data_3K7Q
#
_entry.id   3K7Q
#
_cell.length_a   162.988
_cell.length_b   162.988
_cell.length_c   162.988
_cell.angle_alpha   90.00
_cell.angle_beta   90.00
_cell.angle_gamma   90.00
#
_symmetry.space_group_name_H-M   'P 4 3 2'
#
loop_
_entity.id
_entity.type
_entity.pdbx_description
1 polymer '6-hydroxy-L-nicotine oxidase'
2 non-polymer 5-[(2S)-1-methylpyrrolidin-2-yl]pyridin-2-ol
3 non-polymer 'FLAVIN-ADENINE DINUCLEOTIDE'
4 non-polymer '(1R)-2-{[(S)-(2-aminoethoxy)(hydroxy)phosphoryl]oxy}-1-[(pentadecanoyloxy)methyl]ethyl (12E)-hexadeca-9,12-dienoate'
5 water water
#
_entity_poly.entity_id   1
_entity_poly.type   'polypeptide(L)'
_entity_poly.pdbx_seq_one_letter_code
;MYDAIVVGGGFSGLKAARDLTNAGKKVLLLEGGERLGGRAYSRESRNVPGLRVEIGGAYLHRKHHPRLAAELDRYGIPTA
AASEFTSFRHRLGPTAVDQAFPIPGSEAVAVEAATYTLLRDAHRIDLEKGLENQDLEDLDIPLNEYVDKLDLPPVSRQFL
LAWAWNMLGQPADQASALWMLQLVAAHHYSILGVVLSLDEVFSNGSADLVDAMSQEIPEIRLQTVVTGIDQSGDVVNVTV
KDGHAFQAHSVIVATPMNTWRRIVFTPALPERRRSVIEEGHGGQGLKILIHVRGAEAGIECVGDGIFPTLYDYCEVSESE
RLLVAFTDSGSFDPTDIGAVKDAVLYYLPEVEVLGIDYHDWIADPLFEGPWVAPRVGQFSRVHKELGEPAGRIHFVGSDV
SLEFPGYIEGALETAECAVNAILHSHHHHHH
;
_entity_poly.pdbx_strand_id   X
#
# COMPACT_ATOMS: atom_id res chain seq x y z
N MET A 1 -29.17 17.15 5.65
CA MET A 1 -28.04 16.50 6.37
C MET A 1 -28.06 14.98 6.19
N TYR A 2 -26.91 14.35 6.45
CA TYR A 2 -26.74 12.93 6.17
C TYR A 2 -26.54 12.13 7.45
N ASP A 3 -26.81 10.83 7.38
CA ASP A 3 -26.46 9.92 8.48
C ASP A 3 -24.94 9.82 8.59
N ALA A 4 -24.27 9.77 7.44
CA ALA A 4 -22.83 9.63 7.39
C ALA A 4 -22.24 10.35 6.18
N ILE A 5 -21.14 11.06 6.42
CA ILE A 5 -20.32 11.56 5.32
C ILE A 5 -19.03 10.75 5.26
N VAL A 6 -18.76 10.16 4.09
CA VAL A 6 -17.51 9.46 3.87
C VAL A 6 -16.58 10.36 3.07
N VAL A 7 -15.41 10.64 3.62
CA VAL A 7 -14.41 11.48 2.97
C VAL A 7 -13.34 10.60 2.34
N GLY A 8 -13.26 10.60 1.02
CA GLY A 8 -12.27 9.80 0.29
C GLY A 8 -12.91 8.66 -0.46
N GLY A 9 -12.62 8.54 -1.74
CA GLY A 9 -13.26 7.55 -2.60
C GLY A 9 -12.34 6.46 -3.12
N GLY A 10 -11.42 6.01 -2.28
CA GLY A 10 -10.67 4.77 -2.55
C GLY A 10 -11.51 3.60 -2.08
N PHE A 11 -10.94 2.39 -2.09
CA PHE A 11 -11.71 1.20 -1.71
C PHE A 11 -12.33 1.26 -0.32
N SER A 12 -11.63 1.89 0.62
CA SER A 12 -12.12 2.03 1.99
C SER A 12 -13.40 2.87 2.00
N GLY A 13 -13.31 4.08 1.44
CA GLY A 13 -14.46 4.99 1.37
C GLY A 13 -15.62 4.38 0.60
N LEU A 14 -15.29 3.77 -0.54
CA LEU A 14 -16.29 3.12 -1.39
C LEU A 14 -17.03 2.00 -0.66
N LYS A 15 -16.30 1.14 0.04
CA LYS A 15 -16.96 0.07 0.81
C LYS A 15 -17.81 0.64 1.94
N ALA A 16 -17.25 1.60 2.67
CA ALA A 16 -17.98 2.25 3.77
C ALA A 16 -19.29 2.88 3.28
N ALA A 17 -19.19 3.71 2.24
CA ALA A 17 -20.36 4.39 1.67
C ALA A 17 -21.41 3.42 1.12
N ARG A 18 -20.96 2.36 0.45
CA ARG A 18 -21.87 1.37 -0.13
C ARG A 18 -22.59 0.56 0.95
N ASP A 19 -21.84 0.08 1.93
CA ASP A 19 -22.40 -0.78 2.97
C ASP A 19 -23.37 -0.02 3.89
N LEU A 20 -23.04 1.23 4.21
CA LEU A 20 -23.95 2.09 4.96
C LEU A 20 -25.23 2.40 4.17
N THR A 21 -25.08 2.61 2.86
CA THR A 21 -26.22 2.83 1.96
C THR A 21 -27.16 1.63 1.95
N ASN A 22 -26.60 0.43 1.79
CA ASN A 22 -27.40 -0.78 1.76
C ASN A 22 -28.01 -1.13 3.12
N ALA A 23 -27.45 -0.56 4.17
CA ALA A 23 -28.01 -0.70 5.52
C ALA A 23 -29.12 0.32 5.77
N GLY A 24 -29.45 1.12 4.76
CA GLY A 24 -30.55 2.08 4.80
C GLY A 24 -30.16 3.48 5.24
N LYS A 25 -28.87 3.72 5.44
CA LYS A 25 -28.41 5.03 5.89
C LYS A 25 -28.36 6.01 4.73
N LYS A 26 -28.44 7.30 5.06
CA LYS A 26 -28.28 8.37 4.07
C LYS A 26 -26.84 8.82 4.08
N VAL A 27 -26.12 8.51 3.00
CA VAL A 27 -24.68 8.68 2.93
C VAL A 27 -24.30 9.63 1.81
N LEU A 28 -23.29 10.46 2.06
CA LEU A 28 -22.65 11.26 1.03
C LEU A 28 -21.17 10.92 0.97
N LEU A 29 -20.69 10.61 -0.23
CA LEU A 29 -19.27 10.35 -0.46
C LEU A 29 -18.61 11.58 -1.09
N LEU A 30 -17.65 12.16 -0.36
CA LEU A 30 -16.88 13.29 -0.85
C LEU A 30 -15.49 12.84 -1.30
N GLU A 31 -15.22 12.99 -2.60
CA GLU A 31 -13.93 12.65 -3.20
C GLU A 31 -13.22 13.91 -3.69
N GLY A 32 -11.99 14.10 -3.22
CA GLY A 32 -11.18 15.27 -3.54
C GLY A 32 -10.75 15.38 -5.00
N GLY A 33 -10.53 14.23 -5.64
CA GLY A 33 -10.04 14.18 -7.02
C GLY A 33 -11.11 14.05 -8.09
N GLU A 34 -10.66 13.84 -9.33
CA GLU A 34 -11.55 13.74 -10.50
C GLU A 34 -11.92 12.31 -10.82
N ARG A 35 -11.48 11.38 -9.97
CA ARG A 35 -11.73 9.96 -10.19
C ARG A 35 -11.90 9.27 -8.85
N LEU A 36 -12.52 8.10 -8.89
CA LEU A 36 -12.61 7.24 -7.71
C LEU A 36 -11.54 6.15 -7.83
N GLY A 37 -11.16 5.55 -6.70
CA GLY A 37 -10.18 4.47 -6.69
C GLY A 37 -8.97 4.74 -5.82
N GLY A 38 -8.59 6.01 -5.73
CA GLY A 38 -7.45 6.42 -4.89
C GLY A 38 -6.17 5.77 -5.37
N ARG A 39 -5.52 5.03 -4.47
CA ARG A 39 -4.24 4.37 -4.78
C ARG A 39 -4.40 3.08 -5.58
N ALA A 40 -5.65 2.74 -5.88
CA ALA A 40 -5.96 1.78 -6.93
C ALA A 40 -6.32 2.59 -8.16
N TYR A 41 -5.40 2.62 -9.12
CA TYR A 41 -5.48 3.55 -10.24
C TYR A 41 -5.08 2.86 -11.53
N SER A 42 -6.05 2.31 -12.23
CA SER A 42 -5.80 1.78 -13.57
C SER A 42 -6.13 2.84 -14.60
N ARG A 43 -5.28 2.96 -15.61
CA ARG A 43 -5.47 3.93 -16.68
C ARG A 43 -4.68 3.50 -17.91
N GLU A 44 -4.79 4.27 -18.98
CA GLU A 44 -4.04 3.99 -20.20
C GLU A 44 -2.55 4.26 -19.94
N SER A 45 -1.71 3.37 -20.46
CA SER A 45 -0.26 3.53 -20.40
C SER A 45 0.16 4.83 -21.07
N ARG A 46 1.10 5.54 -20.45
CA ARG A 46 1.72 6.71 -21.06
C ARG A 46 2.66 6.32 -22.21
N ASN A 47 3.04 5.05 -22.26
CA ASN A 47 4.03 4.58 -23.23
C ASN A 47 3.43 3.76 -24.36
N VAL A 48 2.37 3.02 -24.06
CA VAL A 48 1.75 2.12 -25.04
C VAL A 48 0.25 2.44 -25.18
N PRO A 49 -0.10 3.20 -26.24
CA PRO A 49 -1.50 3.50 -26.57
C PRO A 49 -2.41 2.29 -26.54
N GLY A 50 -3.55 2.42 -25.88
CA GLY A 50 -4.55 1.35 -25.83
C GLY A 50 -4.28 0.28 -24.79
N LEU A 51 -3.15 0.39 -24.08
CA LEU A 51 -2.80 -0.56 -23.04
C LEU A 51 -3.17 -0.01 -21.67
N ARG A 52 -4.02 -0.74 -20.96
CA ARG A 52 -4.43 -0.36 -19.62
C ARG A 52 -3.41 -0.89 -18.62
N VAL A 53 -2.96 -0.04 -17.72
CA VAL A 53 -1.98 -0.45 -16.71
C VAL A 53 -2.43 -0.05 -15.31
N GLU A 54 -1.83 -0.67 -14.30
CA GLU A 54 -2.06 -0.29 -12.92
C GLU A 54 -0.91 0.58 -12.44
N ILE A 55 -1.21 1.82 -12.11
CA ILE A 55 -0.20 2.79 -11.67
C ILE A 55 -0.09 2.84 -10.14
N GLY A 56 -1.12 2.36 -9.47
CA GLY A 56 -1.07 2.14 -8.03
C GLY A 56 -1.16 0.65 -7.78
N GLY A 57 -2.05 0.27 -6.87
CA GLY A 57 -2.24 -1.12 -6.48
C GLY A 57 -2.75 -2.06 -7.55
N ALA A 58 -2.12 -3.23 -7.65
CA ALA A 58 -2.37 -4.17 -8.74
C ALA A 58 -2.55 -5.62 -8.29
N TYR A 59 -1.77 -6.05 -7.31
CA TYR A 59 -1.68 -7.48 -6.98
C TYR A 59 -2.55 -7.89 -5.79
N LEU A 60 -3.09 -9.09 -5.87
CA LEU A 60 -3.97 -9.62 -4.83
C LEU A 60 -3.73 -11.11 -4.62
N HIS A 61 -4.18 -11.60 -3.47
CA HIS A 61 -4.17 -13.02 -3.17
C HIS A 61 -5.44 -13.38 -2.41
N ARG A 62 -6.30 -14.15 -3.05
CA ARG A 62 -7.62 -14.49 -2.50
C ARG A 62 -7.60 -15.13 -1.11
N LYS A 63 -6.59 -15.96 -0.83
CA LYS A 63 -6.50 -16.62 0.47
C LYS A 63 -6.02 -15.66 1.57
N HIS A 64 -5.09 -14.77 1.23
CA HIS A 64 -4.65 -13.74 2.17
C HIS A 64 -5.65 -12.59 2.26
N HIS A 65 -6.49 -12.44 1.24
CA HIS A 65 -7.42 -11.31 1.17
C HIS A 65 -8.89 -11.72 0.94
N PRO A 66 -9.56 -12.23 1.99
CA PRO A 66 -10.93 -12.77 1.89
C PRO A 66 -12.04 -11.75 1.63
N ARG A 67 -11.90 -10.53 2.15
CA ARG A 67 -12.89 -9.48 1.84
C ARG A 67 -12.79 -9.11 0.37
N LEU A 68 -11.56 -8.95 -0.12
CA LEU A 68 -11.34 -8.65 -1.53
C LEU A 68 -11.86 -9.78 -2.41
N ALA A 69 -11.61 -11.02 -1.99
CA ALA A 69 -12.14 -12.19 -2.68
C ALA A 69 -13.65 -12.13 -2.81
N ALA A 70 -14.33 -11.73 -1.73
CA ALA A 70 -15.78 -11.62 -1.72
C ALA A 70 -16.30 -10.56 -2.69
N GLU A 71 -15.59 -9.43 -2.76
CA GLU A 71 -15.95 -8.35 -3.68
C GLU A 71 -15.86 -8.79 -5.14
N LEU A 72 -14.78 -9.48 -5.48
CA LEU A 72 -14.60 -10.01 -6.82
C LEU A 72 -15.71 -11.00 -7.17
N ASP A 73 -16.05 -11.88 -6.23
CA ASP A 73 -17.10 -12.87 -6.45
C ASP A 73 -18.47 -12.20 -6.57
N ARG A 74 -18.70 -11.19 -5.73
CA ARG A 74 -19.95 -10.43 -5.71
C ARG A 74 -20.27 -9.79 -7.05
N TYR A 75 -19.29 -9.12 -7.66
CA TYR A 75 -19.51 -8.43 -8.93
C TYR A 75 -19.07 -9.21 -10.16
N GLY A 76 -18.60 -10.45 -9.96
CA GLY A 76 -18.12 -11.28 -11.05
C GLY A 76 -16.93 -10.65 -11.77
N ILE A 77 -16.01 -10.09 -11.00
CA ILE A 77 -14.86 -9.40 -11.56
C ILE A 77 -13.77 -10.41 -11.89
N PRO A 78 -13.38 -10.49 -13.17
CA PRO A 78 -12.38 -11.47 -13.56
C PRO A 78 -10.98 -11.11 -13.06
N THR A 79 -10.27 -12.13 -12.58
CA THR A 79 -8.86 -12.00 -12.25
C THR A 79 -8.04 -12.97 -13.08
N ALA A 80 -6.75 -12.68 -13.19
CA ALA A 80 -5.82 -13.53 -13.90
C ALA A 80 -4.57 -13.69 -13.05
N ALA A 81 -3.86 -14.80 -13.26
CA ALA A 81 -2.57 -15.01 -12.62
C ALA A 81 -1.63 -13.86 -13.00
N ALA A 82 -0.85 -13.39 -12.04
CA ALA A 82 0.17 -12.39 -12.31
C ALA A 82 1.24 -13.03 -13.19
N SER A 83 1.98 -12.22 -13.94
CA SER A 83 3.02 -12.74 -14.80
C SER A 83 3.92 -13.77 -14.11
N GLU A 84 4.09 -14.91 -14.76
CA GLU A 84 4.91 -15.99 -14.24
C GLU A 84 6.38 -15.64 -14.36
N PHE A 85 7.16 -16.00 -13.36
CA PHE A 85 8.62 -15.81 -13.43
C PHE A 85 9.28 -17.10 -13.86
N THR A 86 9.98 -17.06 -14.99
CA THR A 86 10.63 -18.24 -15.57
C THR A 86 12.11 -18.00 -15.89
N SER A 87 12.50 -16.73 -15.95
CA SER A 87 13.87 -16.37 -16.27
C SER A 87 14.42 -15.49 -15.15
N PHE A 88 15.48 -15.98 -14.49
CA PHE A 88 15.98 -15.30 -13.30
C PHE A 88 17.32 -14.66 -13.56
N ARG A 89 17.37 -13.36 -13.28
CA ARG A 89 18.51 -12.53 -13.65
C ARG A 89 18.95 -11.73 -12.44
N HIS A 90 19.22 -12.46 -11.35
CA HIS A 90 19.52 -11.87 -10.06
C HIS A 90 20.90 -11.20 -10.00
N ARG A 91 21.04 -10.25 -9.08
CA ARG A 91 22.31 -9.65 -8.74
C ARG A 91 22.60 -9.87 -7.27
N LEU A 92 22.94 -11.12 -6.93
CA LEU A 92 23.11 -11.57 -5.56
C LEU A 92 24.47 -12.21 -5.32
N GLY A 93 25.35 -12.06 -6.30
CA GLY A 93 26.69 -12.61 -6.19
C GLY A 93 26.82 -13.91 -6.94
N PRO A 94 28.05 -14.40 -7.09
CA PRO A 94 28.34 -15.55 -7.93
C PRO A 94 27.83 -16.89 -7.39
N THR A 95 27.44 -16.96 -6.11
CA THR A 95 26.97 -18.21 -5.51
C THR A 95 25.44 -18.38 -5.55
N ALA A 96 24.72 -17.32 -5.94
CA ALA A 96 23.28 -17.39 -6.06
C ALA A 96 22.90 -18.34 -7.19
N VAL A 97 21.76 -19.00 -7.03
CA VAL A 97 21.24 -19.86 -8.08
C VAL A 97 20.13 -19.09 -8.81
N ASP A 98 20.05 -19.26 -10.13
CA ASP A 98 19.04 -18.53 -10.90
C ASP A 98 17.69 -19.22 -10.83
N GLN A 99 17.06 -19.08 -9.67
CA GLN A 99 15.72 -19.57 -9.39
C GLN A 99 14.99 -18.47 -8.64
N ALA A 100 13.67 -18.62 -8.46
CA ALA A 100 12.88 -17.70 -7.64
C ALA A 100 13.40 -17.63 -6.21
N PHE A 101 13.85 -18.78 -5.70
CA PHE A 101 14.50 -18.86 -4.40
C PHE A 101 15.98 -19.14 -4.63
N PRO A 102 16.79 -18.07 -4.70
CA PRO A 102 18.15 -18.16 -5.20
C PRO A 102 19.21 -18.56 -4.17
N ILE A 103 18.76 -19.01 -3.00
CA ILE A 103 19.67 -19.34 -1.90
C ILE A 103 20.39 -20.66 -2.19
N PRO A 104 21.74 -20.65 -2.15
CA PRO A 104 22.45 -21.90 -2.39
C PRO A 104 22.50 -22.77 -1.13
N GLY A 105 22.77 -24.06 -1.31
CA GLY A 105 22.90 -25.00 -0.20
C GLY A 105 23.86 -24.58 0.89
N SER A 106 24.95 -23.92 0.50
CA SER A 106 25.96 -23.44 1.46
C SER A 106 25.41 -22.43 2.47
N GLU A 107 24.27 -21.82 2.14
CA GLU A 107 23.63 -20.85 3.04
C GLU A 107 22.40 -21.41 3.74
N ALA A 108 22.08 -22.67 3.47
CA ALA A 108 20.83 -23.25 3.96
C ALA A 108 20.70 -23.24 5.48
N VAL A 109 21.75 -23.64 6.17
CA VAL A 109 21.72 -23.69 7.65
C VAL A 109 21.53 -22.30 8.23
N ALA A 110 22.24 -21.32 7.67
CA ALA A 110 22.13 -19.93 8.11
C ALA A 110 20.72 -19.38 7.89
N VAL A 111 20.13 -19.70 6.74
CA VAL A 111 18.75 -19.32 6.41
C VAL A 111 17.73 -19.96 7.36
N GLU A 112 17.93 -21.24 7.65
CA GLU A 112 17.09 -21.97 8.60
C GLU A 112 17.07 -21.28 9.96
N ALA A 113 18.24 -20.91 10.47
CA ALA A 113 18.37 -20.26 11.77
C ALA A 113 17.76 -18.86 11.80
N ALA A 114 17.93 -18.11 10.71
CA ALA A 114 17.38 -16.77 10.58
C ALA A 114 15.86 -16.80 10.46
N THR A 115 15.36 -17.80 9.75
CA THR A 115 13.92 -18.02 9.63
C THR A 115 13.28 -18.21 11.01
N TYR A 116 13.91 -19.04 11.85
CA TYR A 116 13.44 -19.22 13.21
C TYR A 116 13.44 -17.92 14.00
N THR A 117 14.56 -17.20 13.99
CA THR A 117 14.66 -15.91 14.67
C THR A 117 13.58 -14.92 14.20
N LEU A 118 13.44 -14.81 12.88
CA LEU A 118 12.44 -13.92 12.27
C LEU A 118 11.02 -14.27 12.67
N LEU A 119 10.66 -15.55 12.54
CA LEU A 119 9.32 -16.01 12.86
C LEU A 119 9.03 -15.96 14.35
N ARG A 120 10.05 -16.26 15.17
CA ARG A 120 9.92 -16.10 16.62
C ARG A 120 9.58 -14.64 16.97
N ASP A 121 10.27 -13.69 16.35
CA ASP A 121 10.04 -12.27 16.60
C ASP A 121 8.67 -11.83 16.11
N ALA A 122 8.29 -12.27 14.91
CA ALA A 122 6.97 -11.97 14.36
C ALA A 122 5.84 -12.55 15.23
N HIS A 123 6.09 -13.71 15.83
CA HIS A 123 5.10 -14.35 16.71
C HIS A 123 4.85 -13.61 18.02
N ARG A 124 5.72 -12.64 18.32
CA ARG A 124 5.49 -11.74 19.45
C ARG A 124 4.36 -10.76 19.17
N ILE A 125 4.01 -10.60 17.89
CA ILE A 125 2.99 -9.64 17.47
C ILE A 125 1.60 -10.26 17.45
N ASP A 126 0.70 -9.68 18.25
CA ASP A 126 -0.72 -9.98 18.20
C ASP A 126 -1.37 -8.89 17.33
N LEU A 127 -1.95 -9.30 16.21
CA LEU A 127 -2.43 -8.36 15.20
C LEU A 127 -3.63 -7.50 15.62
N GLU A 128 -4.29 -7.85 16.72
CA GLU A 128 -5.44 -7.10 17.19
C GLU A 128 -5.09 -5.97 18.17
N LYS A 129 -3.94 -6.10 18.81
CA LYS A 129 -3.59 -5.25 19.95
C LYS A 129 -3.01 -3.87 19.60
N GLY A 130 -2.38 -3.77 18.43
CA GLY A 130 -1.65 -2.55 18.07
C GLY A 130 -0.18 -2.67 18.44
N LEU A 131 0.69 -2.17 17.55
CA LEU A 131 2.13 -2.27 17.72
C LEU A 131 2.67 -1.44 18.88
N GLU A 132 1.85 -0.54 19.42
CA GLU A 132 2.25 0.31 20.54
C GLU A 132 1.88 -0.28 21.91
N ASN A 133 1.06 -1.33 21.91
CA ASN A 133 0.49 -1.92 23.13
C ASN A 133 1.07 -3.28 23.52
N GLN A 134 2.26 -3.62 23.03
CA GLN A 134 2.76 -4.99 23.19
C GLN A 134 4.21 -5.13 23.64
N ASP A 135 4.81 -4.04 24.11
CA ASP A 135 6.22 -4.03 24.50
C ASP A 135 7.12 -4.56 23.38
N LEU A 136 6.96 -3.97 22.20
CA LEU A 136 7.70 -4.37 21.01
C LEU A 136 8.78 -3.37 20.63
N GLU A 137 8.99 -2.38 21.51
CA GLU A 137 9.91 -1.26 21.26
C GLU A 137 11.34 -1.68 20.90
N ASP A 138 11.79 -2.79 21.48
CA ASP A 138 13.11 -3.34 21.17
C ASP A 138 13.24 -3.75 19.70
N LEU A 139 12.12 -4.06 19.07
CA LEU A 139 12.10 -4.43 17.66
C LEU A 139 11.97 -3.22 16.73
N ASP A 140 11.47 -2.10 17.27
CA ASP A 140 11.28 -0.88 16.50
C ASP A 140 12.61 -0.16 16.33
N ILE A 141 13.47 -0.75 15.50
CA ILE A 141 14.83 -0.26 15.26
C ILE A 141 15.07 -0.30 13.74
N PRO A 142 16.10 0.40 13.25
CA PRO A 142 16.36 0.38 11.81
C PRO A 142 16.56 -1.05 11.31
N LEU A 143 15.94 -1.37 10.18
CA LEU A 143 15.99 -2.72 9.62
C LEU A 143 17.41 -3.21 9.35
N ASN A 144 18.30 -2.32 8.91
CA ASN A 144 19.68 -2.72 8.65
C ASN A 144 20.36 -3.24 9.91
N GLU A 145 20.04 -2.63 11.05
CA GLU A 145 20.60 -3.05 12.34
C GLU A 145 20.05 -4.40 12.78
N TYR A 146 18.75 -4.59 12.61
CA TYR A 146 18.12 -5.87 12.91
C TYR A 146 18.71 -6.99 12.05
N VAL A 147 18.81 -6.75 10.75
CA VAL A 147 19.33 -7.75 9.81
C VAL A 147 20.81 -8.05 10.10
N ASP A 148 21.56 -7.04 10.51
CA ASP A 148 22.96 -7.22 10.94
C ASP A 148 23.09 -8.25 12.05
N LYS A 149 22.13 -8.24 12.98
CA LYS A 149 22.11 -9.18 14.10
C LYS A 149 21.78 -10.61 13.68
N LEU A 150 21.11 -10.77 12.54
CA LEU A 150 20.82 -12.10 11.99
C LEU A 150 22.08 -12.75 11.42
N ASP A 151 23.07 -11.92 11.09
CA ASP A 151 24.35 -12.33 10.51
C ASP A 151 24.20 -13.30 9.34
N LEU A 152 23.44 -12.86 8.33
CA LEU A 152 23.19 -13.68 7.16
C LEU A 152 24.35 -13.64 6.18
N PRO A 153 24.66 -14.78 5.54
CA PRO A 153 25.60 -14.85 4.44
C PRO A 153 25.08 -14.04 3.25
N PRO A 154 25.95 -13.72 2.27
CA PRO A 154 25.66 -12.65 1.31
C PRO A 154 24.42 -12.80 0.45
N VAL A 155 24.12 -14.01 -0.05
CA VAL A 155 22.98 -14.19 -0.96
C VAL A 155 21.65 -13.95 -0.23
N SER A 156 21.44 -14.69 0.86
CA SER A 156 20.23 -14.56 1.66
C SER A 156 20.09 -13.19 2.31
N ARG A 157 21.21 -12.62 2.73
CA ARG A 157 21.19 -11.27 3.31
C ARG A 157 20.63 -10.27 2.30
N GLN A 158 21.18 -10.28 1.08
CA GLN A 158 20.79 -9.31 0.07
C GLN A 158 19.39 -9.60 -0.50
N PHE A 159 19.04 -10.88 -0.57
CA PHE A 159 17.73 -11.31 -1.04
C PHE A 159 16.64 -10.77 -0.10
N LEU A 160 16.86 -10.94 1.21
CA LEU A 160 15.95 -10.41 2.23
C LEU A 160 15.85 -8.88 2.18
N LEU A 161 17.00 -8.22 2.09
CA LEU A 161 17.04 -6.76 2.08
C LEU A 161 16.39 -6.18 0.83
N ALA A 162 16.60 -6.84 -0.31
CA ALA A 162 16.01 -6.41 -1.57
C ALA A 162 14.49 -6.49 -1.51
N TRP A 163 13.96 -7.63 -1.06
CA TRP A 163 12.52 -7.76 -0.94
C TRP A 163 11.91 -6.83 0.11
N ALA A 164 12.64 -6.58 1.18
CA ALA A 164 12.18 -5.67 2.23
C ALA A 164 12.16 -4.22 1.74
N TRP A 165 13.12 -3.86 0.92
CA TRP A 165 13.15 -2.56 0.26
C TRP A 165 11.94 -2.40 -0.66
N ASN A 166 11.76 -3.34 -1.57
CA ASN A 166 10.56 -3.44 -2.40
C ASN A 166 9.29 -3.28 -1.57
N MET A 167 9.16 -4.09 -0.53
CA MET A 167 7.88 -4.25 0.12
C MET A 167 7.52 -3.03 0.97
N LEU A 168 8.49 -2.51 1.69
CA LEU A 168 8.24 -1.39 2.60
C LEU A 168 8.31 -0.05 1.90
N GLY A 169 9.00 -0.02 0.75
CA GLY A 169 9.25 1.23 0.04
C GLY A 169 10.13 2.17 0.86
N GLN A 170 11.10 1.57 1.54
CA GLN A 170 12.04 2.31 2.38
C GLN A 170 13.40 1.62 2.29
N PRO A 171 14.49 2.40 2.24
CA PRO A 171 15.80 1.78 2.34
C PRO A 171 15.96 1.17 3.74
N ALA A 172 16.89 0.22 3.86
CA ALA A 172 17.06 -0.54 5.10
C ALA A 172 17.32 0.31 6.35
N ASP A 173 18.02 1.43 6.18
CA ASP A 173 18.36 2.30 7.30
C ASP A 173 17.18 3.17 7.78
N GLN A 174 16.11 3.21 7.01
CA GLN A 174 14.92 3.99 7.36
C GLN A 174 13.74 3.11 7.73
N ALA A 175 13.77 1.87 7.27
CA ALA A 175 12.69 0.93 7.56
C ALA A 175 12.78 0.47 9.01
N SER A 176 11.63 0.21 9.61
CA SER A 176 11.58 -0.33 10.97
C SER A 176 11.51 -1.86 10.90
N ALA A 177 12.40 -2.52 11.64
CA ALA A 177 12.40 -3.98 11.74
C ALA A 177 11.04 -4.49 12.21
N LEU A 178 10.44 -3.77 13.15
CA LEU A 178 9.13 -4.13 13.69
C LEU A 178 8.05 -4.16 12.62
N TRP A 179 8.14 -3.22 11.68
CA TRP A 179 7.16 -3.14 10.59
C TRP A 179 7.33 -4.29 9.61
N MET A 180 8.58 -4.65 9.33
CA MET A 180 8.85 -5.82 8.53
CA MET A 180 8.86 -5.81 8.52
C MET A 180 8.23 -7.05 9.18
N LEU A 181 8.37 -7.15 10.50
CA LEU A 181 7.81 -8.28 11.26
C LEU A 181 6.28 -8.25 11.28
N GLN A 182 5.72 -7.04 11.30
CA GLN A 182 4.27 -6.84 11.18
C GLN A 182 3.73 -7.40 9.86
N LEU A 183 4.45 -7.16 8.77
CA LEU A 183 4.04 -7.69 7.47
C LEU A 183 4.12 -9.22 7.45
N VAL A 184 5.16 -9.76 8.07
CA VAL A 184 5.31 -11.20 8.21
C VAL A 184 4.12 -11.78 8.99
N ALA A 185 3.79 -11.16 10.13
CA ALA A 185 2.64 -11.56 10.94
C ALA A 185 1.33 -11.50 10.17
N ALA A 186 1.13 -10.42 9.43
CA ALA A 186 -0.08 -10.22 8.63
C ALA A 186 -0.31 -11.31 7.61
N HIS A 187 0.78 -11.88 7.12
CA HIS A 187 0.71 -12.98 6.17
C HIS A 187 0.73 -14.32 6.88
N HIS A 188 -0.03 -14.42 7.96
CA HIS A 188 -0.10 -15.67 8.68
C HIS A 188 1.26 -16.11 9.17
N TYR A 189 2.04 -15.18 9.66
CA TYR A 189 3.35 -15.48 10.18
C TYR A 189 4.21 -16.24 9.18
N SER A 190 4.31 -15.67 7.99
CA SER A 190 5.08 -16.25 6.91
C SER A 190 5.94 -15.18 6.24
N ILE A 191 7.24 -15.44 6.13
CA ILE A 191 8.14 -14.56 5.40
C ILE A 191 7.88 -14.76 3.91
N LEU A 192 7.84 -16.02 3.50
CA LEU A 192 7.57 -16.41 2.12
C LEU A 192 6.25 -15.82 1.60
N GLY A 193 5.22 -15.89 2.43
CA GLY A 193 3.89 -15.41 2.06
C GLY A 193 3.86 -13.96 1.62
N VAL A 194 4.78 -13.16 2.16
CA VAL A 194 4.85 -11.74 1.80
C VAL A 194 5.06 -11.54 0.29
N VAL A 195 5.88 -12.40 -0.31
CA VAL A 195 6.13 -12.32 -1.74
C VAL A 195 5.17 -13.21 -2.53
N LEU A 196 4.80 -14.35 -1.95
CA LEU A 196 3.90 -15.29 -2.64
C LEU A 196 2.47 -14.77 -2.79
N SER A 197 2.12 -13.71 -2.06
CA SER A 197 0.79 -13.09 -2.17
C SER A 197 0.65 -12.13 -3.36
N LEU A 198 1.72 -11.99 -4.14
CA LEU A 198 1.66 -11.30 -5.43
C LEU A 198 1.15 -12.30 -6.45
N ASP A 199 -0.10 -12.73 -6.26
CA ASP A 199 -0.62 -13.92 -6.90
C ASP A 199 -1.44 -13.62 -8.15
N GLU A 200 -2.37 -12.67 -8.04
CA GLU A 200 -3.31 -12.36 -9.11
C GLU A 200 -3.43 -10.87 -9.34
N VAL A 201 -4.03 -10.53 -10.47
CA VAL A 201 -4.30 -9.15 -10.87
C VAL A 201 -5.74 -9.07 -11.38
N PHE A 202 -6.29 -7.86 -11.44
CA PHE A 202 -7.57 -7.63 -12.12
C PHE A 202 -7.36 -7.79 -13.62
N SER A 203 -8.15 -8.66 -14.26
CA SER A 203 -8.06 -8.84 -15.72
C SER A 203 -8.32 -7.55 -16.49
N ASN A 204 -9.27 -6.74 -16.01
CA ASN A 204 -9.64 -5.50 -16.68
C ASN A 204 -9.30 -4.24 -15.89
N GLY A 205 -8.36 -4.36 -14.96
CA GLY A 205 -7.95 -3.23 -14.14
C GLY A 205 -8.77 -3.10 -12.87
N SER A 206 -8.18 -2.47 -11.86
CA SER A 206 -8.84 -2.25 -10.58
C SER A 206 -10.10 -1.39 -10.72
N ALA A 207 -10.19 -0.62 -11.80
CA ALA A 207 -11.35 0.21 -12.10
C ALA A 207 -12.63 -0.61 -12.28
N ASP A 208 -12.48 -1.85 -12.73
CA ASP A 208 -13.59 -2.82 -12.77
C ASP A 208 -14.34 -2.84 -11.43
N LEU A 209 -13.57 -3.00 -10.35
CA LEU A 209 -14.15 -3.11 -9.02
C LEU A 209 -14.58 -1.75 -8.49
N VAL A 210 -13.76 -0.74 -8.72
CA VAL A 210 -14.10 0.64 -8.35
C VAL A 210 -15.47 1.02 -8.92
N ASP A 211 -15.66 0.79 -10.22
CA ASP A 211 -16.91 1.11 -10.89
C ASP A 211 -18.09 0.30 -10.38
N ALA A 212 -17.87 -1.00 -10.17
CA ALA A 212 -18.92 -1.88 -9.64
C ALA A 212 -19.42 -1.39 -8.28
N MET A 213 -18.50 -0.97 -7.42
CA MET A 213 -18.84 -0.47 -6.09
C MET A 213 -19.51 0.91 -6.13
N SER A 214 -18.98 1.81 -6.96
CA SER A 214 -19.49 3.17 -7.05
C SER A 214 -20.92 3.23 -7.61
N GLN A 215 -21.30 2.27 -8.44
CA GLN A 215 -22.65 2.16 -8.99
C GLN A 215 -23.72 1.99 -7.90
N GLU A 216 -23.32 1.45 -6.76
CA GLU A 216 -24.22 1.25 -5.62
C GLU A 216 -24.22 2.41 -4.64
N ILE A 217 -23.45 3.46 -4.95
CA ILE A 217 -23.40 4.65 -4.11
C ILE A 217 -24.14 5.78 -4.81
N PRO A 218 -25.26 6.22 -4.24
CA PRO A 218 -26.17 7.14 -4.91
C PRO A 218 -25.68 8.57 -4.95
N GLU A 219 -24.98 9.01 -3.92
CA GLU A 219 -24.53 10.39 -3.85
C GLU A 219 -23.03 10.55 -3.68
N ILE A 220 -22.37 10.94 -4.76
CA ILE A 220 -20.93 11.12 -4.78
C ILE A 220 -20.58 12.49 -5.31
N ARG A 221 -19.71 13.21 -4.60
CA ARG A 221 -19.22 14.50 -5.07
C ARG A 221 -17.72 14.41 -5.34
N LEU A 222 -17.36 14.51 -6.62
CA LEU A 222 -15.97 14.55 -7.04
C LEU A 222 -15.44 15.97 -6.94
N GLN A 223 -14.12 16.13 -7.03
CA GLN A 223 -13.44 17.43 -6.96
C GLN A 223 -13.84 18.23 -5.72
N THR A 224 -14.10 17.52 -4.63
CA THR A 224 -14.58 18.10 -3.40
C THR A 224 -13.59 17.76 -2.28
N VAL A 225 -12.70 18.70 -1.99
CA VAL A 225 -11.62 18.51 -1.03
C VAL A 225 -12.05 18.99 0.35
N VAL A 226 -12.09 18.06 1.30
CA VAL A 226 -12.43 18.38 2.69
C VAL A 226 -11.25 19.05 3.38
N THR A 227 -11.51 20.19 4.01
CA THR A 227 -10.47 20.97 4.67
C THR A 227 -10.71 21.09 6.18
N GLY A 228 -11.91 20.71 6.61
CA GLY A 228 -12.28 20.83 8.01
C GLY A 228 -13.37 19.85 8.39
N ILE A 229 -13.21 19.28 9.58
CA ILE A 229 -14.23 18.41 10.17
C ILE A 229 -14.42 18.87 11.62
N ASP A 230 -15.62 19.37 11.90
CA ASP A 230 -15.92 20.04 13.15
C ASP A 230 -17.08 19.32 13.84
N GLN A 231 -16.77 18.69 14.97
CA GLN A 231 -17.79 17.96 15.73
C GLN A 231 -18.08 18.62 17.09
N SER A 232 -17.79 19.91 17.21
CA SER A 232 -18.07 20.66 18.43
C SER A 232 -19.57 20.81 18.72
N GLY A 233 -20.39 20.80 17.67
CA GLY A 233 -21.85 20.85 17.81
C GLY A 233 -22.50 19.47 17.91
N ASP A 234 -23.82 19.43 17.90
CA ASP A 234 -24.59 18.19 17.95
C ASP A 234 -24.43 17.35 16.68
N VAL A 235 -24.14 18.03 15.57
CA VAL A 235 -24.01 17.40 14.26
C VAL A 235 -22.66 17.81 13.67
N VAL A 236 -21.94 16.84 13.09
CA VAL A 236 -20.61 17.11 12.53
C VAL A 236 -20.72 17.99 11.28
N ASN A 237 -19.92 19.05 11.25
CA ASN A 237 -19.84 19.95 10.10
C ASN A 237 -18.55 19.71 9.31
N VAL A 238 -18.71 19.42 8.03
CA VAL A 238 -17.59 19.13 7.13
C VAL A 238 -17.45 20.27 6.12
N THR A 239 -16.37 21.03 6.23
CA THR A 239 -16.10 22.13 5.30
C THR A 239 -15.19 21.69 4.15
N VAL A 240 -15.44 22.27 2.98
CA VAL A 240 -14.76 21.91 1.74
C VAL A 240 -13.95 23.11 1.22
N LYS A 241 -13.04 22.85 0.28
CA LYS A 241 -12.11 23.86 -0.25
C LYS A 241 -12.82 25.11 -0.78
N ASP A 242 -13.59 24.93 -1.84
N ASP A 242 -13.80 24.90 -1.68
CA ASP A 242 -14.34 25.98 -2.52
CA ASP A 242 -14.77 25.97 -1.96
C ASP A 242 -15.81 25.59 -2.68
C ASP A 242 -14.98 26.86 -0.74
N GLY A 243 -16.47 25.38 -1.54
N GLY A 243 -15.73 26.31 0.22
CA GLY A 243 -17.85 24.93 -1.54
CA GLY A 243 -16.19 27.04 1.39
C GLY A 243 -18.55 25.15 -0.22
C GLY A 243 -17.54 26.48 1.79
N HIS A 244 -19.84 24.87 -0.22
N HIS A 244 -18.19 25.82 0.83
CA HIS A 244 -20.63 24.92 1.00
CA HIS A 244 -19.45 25.12 1.09
C HIS A 244 -20.37 23.69 1.86
C HIS A 244 -19.24 24.15 2.25
N ALA A 245 -20.47 23.86 3.16
N ALA A 245 -20.35 23.62 2.78
CA ALA A 245 -20.28 22.78 4.12
CA ALA A 245 -20.29 22.74 3.93
C ALA A 245 -21.37 21.71 4.02
C ALA A 245 -21.34 21.64 3.86
N PHE A 246 -21.07 20.54 4.54
CA PHE A 246 -22.00 19.43 4.60
C PHE A 246 -22.04 18.96 6.03
N GLN A 247 -23.14 18.32 6.41
CA GLN A 247 -23.40 17.96 7.78
C GLN A 247 -23.85 16.53 7.89
N ALA A 248 -23.38 15.84 8.93
CA ALA A 248 -23.78 14.47 9.19
C ALA A 248 -23.64 14.09 10.66
N HIS A 249 -24.40 13.09 11.08
CA HIS A 249 -24.28 12.57 12.43
C HIS A 249 -22.90 11.95 12.62
N SER A 250 -22.40 11.28 11.57
CA SER A 250 -21.10 10.60 11.61
C SER A 250 -20.25 10.90 10.39
N VAL A 251 -18.94 10.97 10.58
CA VAL A 251 -18.01 11.15 9.47
C VAL A 251 -16.94 10.07 9.45
N ILE A 252 -16.73 9.48 8.28
CA ILE A 252 -15.66 8.51 8.06
C ILE A 252 -14.54 9.16 7.27
N VAL A 253 -13.38 9.30 7.90
CA VAL A 253 -12.19 9.77 7.22
C VAL A 253 -11.52 8.57 6.54
N ALA A 254 -11.67 8.50 5.23
CA ALA A 254 -11.13 7.40 4.43
C ALA A 254 -10.11 7.94 3.45
N THR A 255 -9.34 8.92 3.91
CA THR A 255 -8.30 9.55 3.11
C THR A 255 -6.95 9.06 3.63
N PRO A 256 -5.88 9.18 2.81
CA PRO A 256 -4.58 8.68 3.25
C PRO A 256 -4.08 9.36 4.52
N MET A 257 -3.41 8.59 5.36
CA MET A 257 -2.90 9.05 6.65
C MET A 257 -2.07 10.32 6.54
N ASN A 258 -1.24 10.40 5.50
CA ASN A 258 -0.37 11.56 5.30
C ASN A 258 -1.09 12.84 4.85
N THR A 259 -2.41 12.76 4.67
CA THR A 259 -3.21 13.93 4.32
C THR A 259 -4.03 14.46 5.50
N TRP A 260 -4.09 13.71 6.60
CA TRP A 260 -4.91 14.11 7.75
C TRP A 260 -4.43 15.42 8.38
N ARG A 261 -3.12 15.63 8.35
CA ARG A 261 -2.50 16.84 8.86
C ARG A 261 -2.98 18.12 8.15
N ARG A 262 -3.55 17.95 6.95
CA ARG A 262 -4.05 19.08 6.16
C ARG A 262 -5.50 19.43 6.49
N ILE A 263 -6.18 18.55 7.23
CA ILE A 263 -7.55 18.81 7.64
C ILE A 263 -7.55 19.45 9.03
N VAL A 264 -8.38 20.46 9.20
CA VAL A 264 -8.58 21.08 10.52
C VAL A 264 -9.68 20.32 11.27
N PHE A 265 -9.27 19.61 12.32
CA PHE A 265 -10.21 18.89 13.16
C PHE A 265 -10.61 19.75 14.34
N THR A 266 -11.91 19.84 14.61
CA THR A 266 -12.42 20.54 15.80
C THR A 266 -13.38 19.63 16.56
N PRO A 267 -13.05 19.33 17.83
CA PRO A 267 -11.80 19.75 18.46
C PRO A 267 -10.61 18.96 17.94
N ALA A 268 -9.41 19.35 18.33
CA ALA A 268 -8.18 18.70 17.91
C ALA A 268 -8.25 17.20 18.20
N LEU A 269 -7.61 16.41 17.34
CA LEU A 269 -7.49 14.97 17.55
C LEU A 269 -6.78 14.68 18.88
N PRO A 270 -7.03 13.50 19.49
CA PRO A 270 -6.38 13.17 20.75
C PRO A 270 -4.86 13.35 20.70
N GLU A 271 -4.29 13.84 21.80
CA GLU A 271 -2.89 14.27 21.84
C GLU A 271 -1.90 13.20 21.34
N ARG A 272 -2.12 11.95 21.74
CA ARG A 272 -1.24 10.84 21.41
C ARG A 272 -1.02 10.68 19.90
N ARG A 273 -2.02 11.07 19.12
CA ARG A 273 -2.00 10.89 17.66
C ARG A 273 -1.30 12.02 16.91
N ARG A 274 -1.25 13.19 17.54
CA ARG A 274 -0.93 14.44 16.84
C ARG A 274 0.44 14.50 16.18
N SER A 275 1.46 14.02 16.90
CA SER A 275 2.84 14.10 16.42
C SER A 275 3.07 13.23 15.18
N VAL A 276 2.61 11.99 15.23
CA VAL A 276 2.73 11.06 14.10
C VAL A 276 1.93 11.56 12.89
N ILE A 277 0.74 12.07 13.14
CA ILE A 277 -0.07 12.65 12.08
C ILE A 277 0.59 13.85 11.42
N GLU A 278 1.18 14.72 12.22
CA GLU A 278 1.97 15.83 11.71
C GLU A 278 3.14 15.36 10.87
N GLU A 279 3.93 14.47 11.46
CA GLU A 279 5.13 13.89 10.82
CA GLU A 279 5.12 13.97 10.78
C GLU A 279 4.76 13.18 9.53
N GLY A 280 3.70 12.38 9.60
CA GLY A 280 3.32 11.48 8.51
C GLY A 280 4.18 10.22 8.58
N HIS A 281 3.75 9.15 7.91
CA HIS A 281 4.54 7.93 7.88
C HIS A 281 5.72 8.08 6.91
N GLY A 282 6.68 7.15 6.96
CA GLY A 282 7.89 7.26 6.14
C GLY A 282 7.88 6.47 4.84
N GLY A 283 6.70 6.05 4.40
CA GLY A 283 6.56 5.28 3.16
C GLY A 283 7.00 6.10 1.95
N GLN A 284 7.93 5.55 1.18
CA GLN A 284 8.47 6.24 0.02
C GLN A 284 8.51 5.32 -1.18
N GLY A 285 7.68 4.28 -1.17
CA GLY A 285 7.61 3.30 -2.23
C GLY A 285 7.42 3.96 -3.59
N LEU A 286 8.08 3.39 -4.59
CA LEU A 286 8.01 3.93 -5.93
C LEU A 286 7.92 2.76 -6.89
N LYS A 287 6.81 2.68 -7.61
CA LYS A 287 6.55 1.63 -8.58
C LYS A 287 6.68 2.23 -9.97
N ILE A 288 7.64 1.72 -10.73
CA ILE A 288 7.89 2.25 -12.06
C ILE A 288 7.61 1.19 -13.10
N LEU A 289 6.73 1.50 -14.04
CA LEU A 289 6.50 0.62 -15.19
C LEU A 289 7.48 1.00 -16.29
N ILE A 290 8.26 0.03 -16.74
CA ILE A 290 9.32 0.31 -17.69
C ILE A 290 9.03 -0.40 -19.01
N HIS A 291 8.80 0.41 -20.04
CA HIS A 291 8.60 -0.10 -21.38
C HIS A 291 9.96 -0.44 -21.96
N VAL A 292 10.14 -1.69 -22.35
CA VAL A 292 11.44 -2.19 -22.81
C VAL A 292 11.39 -2.95 -24.13
N ARG A 293 12.52 -2.96 -24.83
CA ARG A 293 12.72 -3.83 -25.98
C ARG A 293 13.89 -4.77 -25.70
N GLY A 294 13.80 -6.01 -26.17
CA GLY A 294 14.89 -6.96 -26.03
C GLY A 294 14.79 -7.87 -24.82
N ALA A 295 13.76 -7.66 -23.99
CA ALA A 295 13.57 -8.49 -22.81
C ALA A 295 12.76 -9.74 -23.13
N GLU A 296 13.31 -10.90 -22.76
CA GLU A 296 12.60 -12.18 -22.81
C GLU A 296 11.43 -12.14 -21.82
N ALA A 297 10.44 -13.00 -22.04
CA ALA A 297 9.28 -13.09 -21.14
C ALA A 297 9.67 -13.74 -19.82
N GLY A 298 8.92 -13.42 -18.76
CA GLY A 298 9.05 -14.10 -17.47
C GLY A 298 10.28 -13.75 -16.65
N ILE A 299 10.86 -12.58 -16.89
CA ILE A 299 12.05 -12.17 -16.13
C ILE A 299 11.70 -11.81 -14.69
N GLU A 300 12.52 -12.30 -13.76
CA GLU A 300 12.55 -11.75 -12.40
C GLU A 300 14.00 -11.46 -11.99
N CYS A 301 14.23 -10.25 -11.49
CA CYS A 301 15.53 -9.85 -10.99
C CYS A 301 15.36 -9.35 -9.57
N VAL A 302 16.20 -9.87 -8.68
CA VAL A 302 16.29 -9.37 -7.32
C VAL A 302 17.77 -9.20 -7.08
N GLY A 303 18.16 -8.12 -6.42
CA GLY A 303 19.58 -7.90 -6.22
C GLY A 303 19.91 -6.66 -5.42
N ASP A 304 21.16 -6.25 -5.51
CA ASP A 304 21.66 -5.15 -4.72
C ASP A 304 21.60 -3.83 -5.50
N GLY A 305 20.82 -3.81 -6.58
CA GLY A 305 20.70 -2.61 -7.40
C GLY A 305 19.86 -1.55 -6.73
N ILE A 306 19.91 -0.34 -7.28
CA ILE A 306 19.03 0.75 -6.83
C ILE A 306 17.56 0.38 -7.07
N PHE A 307 17.31 -0.50 -8.05
CA PHE A 307 16.05 -1.24 -8.13
C PHE A 307 16.30 -2.58 -7.44
N PRO A 308 15.83 -2.74 -6.19
CA PRO A 308 15.98 -4.03 -5.50
C PRO A 308 15.34 -5.19 -6.27
N THR A 309 14.23 -4.92 -6.95
CA THR A 309 13.53 -5.90 -7.77
C THR A 309 13.15 -5.31 -9.11
N LEU A 310 13.16 -6.16 -10.13
CA LEU A 310 12.76 -5.79 -11.47
C LEU A 310 12.17 -7.05 -12.09
N TYR A 311 10.90 -7.03 -12.43
CA TYR A 311 10.29 -8.24 -12.95
C TYR A 311 9.25 -8.01 -14.03
N ASP A 312 8.85 -9.09 -14.70
CA ASP A 312 7.91 -9.03 -15.81
C ASP A 312 6.56 -8.47 -15.37
N TYR A 313 5.98 -7.63 -16.21
CA TYR A 313 4.68 -7.05 -15.94
C TYR A 313 3.68 -7.39 -17.06
N CYS A 314 4.01 -7.02 -18.29
CA CYS A 314 3.08 -7.16 -19.40
C CYS A 314 3.78 -7.39 -20.72
N GLU A 315 3.26 -8.31 -21.53
CA GLU A 315 3.70 -8.45 -22.90
C GLU A 315 3.03 -7.38 -23.75
N VAL A 316 3.83 -6.61 -24.48
CA VAL A 316 3.32 -5.54 -25.35
C VAL A 316 3.26 -6.03 -26.79
N SER A 317 4.36 -6.64 -27.24
CA SER A 317 4.44 -7.26 -28.56
C SER A 317 5.44 -8.41 -28.48
N GLU A 318 5.86 -8.93 -29.62
CA GLU A 318 6.86 -10.00 -29.64
C GLU A 318 8.25 -9.48 -29.26
N SER A 319 8.46 -8.17 -29.40
CA SER A 319 9.74 -7.56 -29.09
C SER A 319 9.70 -6.62 -27.88
N GLU A 320 8.51 -6.20 -27.48
CA GLU A 320 8.33 -5.22 -26.41
C GLU A 320 7.56 -5.75 -25.21
N ARG A 321 7.92 -5.27 -24.03
CA ARG A 321 7.24 -5.64 -22.78
C ARG A 321 7.21 -4.45 -21.84
N LEU A 322 6.39 -4.54 -20.81
CA LEU A 322 6.55 -3.69 -19.65
C LEU A 322 7.15 -4.52 -18.54
N LEU A 323 8.17 -3.98 -17.89
CA LEU A 323 8.67 -4.55 -16.64
C LEU A 323 8.22 -3.63 -15.52
N VAL A 324 8.26 -4.12 -14.31
CA VAL A 324 8.00 -3.26 -13.18
C VAL A 324 9.18 -3.28 -12.20
N ALA A 325 9.57 -2.08 -11.77
CA ALA A 325 10.61 -1.93 -10.77
C ALA A 325 10.02 -1.27 -9.55
N PHE A 326 10.45 -1.75 -8.39
CA PHE A 326 10.13 -1.09 -7.13
C PHE A 326 11.42 -0.55 -6.55
N THR A 327 11.33 0.66 -6.01
CA THR A 327 12.44 1.31 -5.34
C THR A 327 11.80 2.28 -4.35
N ASP A 328 12.51 3.33 -3.97
CA ASP A 328 11.90 4.37 -3.16
C ASP A 328 12.31 5.75 -3.68
N SER A 329 11.42 6.72 -3.47
CA SER A 329 11.58 8.07 -4.02
C SER A 329 12.63 8.90 -3.29
N GLY A 330 13.03 8.46 -2.10
CA GLY A 330 14.16 9.08 -1.41
C GLY A 330 15.48 8.70 -2.07
N SER A 331 15.58 7.46 -2.53
CA SER A 331 16.82 6.93 -3.09
C SER A 331 16.94 7.15 -4.61
N PHE A 332 15.81 7.24 -5.28
CA PHE A 332 15.78 7.21 -6.73
C PHE A 332 14.91 8.31 -7.32
N ASP A 333 15.42 8.96 -8.35
CA ASP A 333 14.68 9.98 -9.08
C ASP A 333 14.28 9.51 -10.46
N PRO A 334 13.02 9.17 -10.62
CA PRO A 334 12.50 8.62 -11.87
C PRO A 334 12.43 9.63 -13.01
N THR A 335 12.65 10.91 -12.71
CA THR A 335 12.79 11.90 -13.76
C THR A 335 14.16 11.88 -14.41
N ASP A 336 15.08 11.13 -13.83
CA ASP A 336 16.39 10.91 -14.41
C ASP A 336 16.39 9.62 -15.21
N ILE A 337 16.08 9.72 -16.49
CA ILE A 337 15.93 8.53 -17.33
C ILE A 337 17.27 7.82 -17.52
N GLY A 338 18.36 8.57 -17.54
CA GLY A 338 19.71 7.99 -17.52
C GLY A 338 19.89 7.05 -16.33
N ALA A 339 19.37 7.47 -15.17
CA ALA A 339 19.40 6.64 -13.95
C ALA A 339 18.54 5.38 -14.08
N VAL A 340 17.39 5.51 -14.75
CA VAL A 340 16.52 4.36 -15.00
C VAL A 340 17.22 3.35 -15.91
N LYS A 341 17.83 3.83 -16.99
CA LYS A 341 18.57 2.95 -17.90
C LYS A 341 19.67 2.21 -17.16
N ASP A 342 20.46 2.91 -16.35
CA ASP A 342 21.54 2.28 -15.58
C ASP A 342 21.00 1.23 -14.61
N ALA A 343 19.90 1.56 -13.93
CA ALA A 343 19.27 0.66 -12.97
C ALA A 343 18.77 -0.61 -13.64
N VAL A 344 18.19 -0.49 -14.83
CA VAL A 344 17.72 -1.65 -15.59
C VAL A 344 18.89 -2.45 -16.16
N LEU A 345 19.84 -1.74 -16.78
CA LEU A 345 20.99 -2.38 -17.42
C LEU A 345 21.85 -3.18 -16.44
N TYR A 346 21.85 -2.75 -15.18
CA TYR A 346 22.60 -3.45 -14.13
C TYR A 346 22.21 -4.92 -14.10
N TYR A 347 20.91 -5.17 -14.16
CA TYR A 347 20.37 -6.54 -14.19
C TYR A 347 20.30 -7.11 -15.59
N LEU A 348 19.93 -6.26 -16.55
CA LEU A 348 19.56 -6.69 -17.91
C LEU A 348 20.32 -5.87 -18.95
N PRO A 349 21.63 -6.17 -19.12
CA PRO A 349 22.49 -5.35 -19.98
C PRO A 349 22.14 -5.37 -21.47
N GLU A 350 21.31 -6.33 -21.87
CA GLU A 350 20.93 -6.49 -23.28
C GLU A 350 19.64 -5.74 -23.63
N VAL A 351 18.98 -5.20 -22.61
CA VAL A 351 17.64 -4.63 -22.77
C VAL A 351 17.68 -3.14 -23.07
N GLU A 352 16.80 -2.67 -23.96
CA GLU A 352 16.67 -1.23 -24.25
C GLU A 352 15.45 -0.62 -23.57
N VAL A 353 15.67 0.42 -22.78
CA VAL A 353 14.57 1.14 -22.14
C VAL A 353 13.94 2.13 -23.12
N LEU A 354 12.64 1.98 -23.37
CA LEU A 354 11.91 2.81 -24.31
C LEU A 354 11.17 3.97 -23.65
N GLY A 355 10.76 3.77 -22.39
CA GLY A 355 10.03 4.80 -21.65
C GLY A 355 9.62 4.26 -20.29
N ILE A 356 9.15 5.15 -19.43
CA ILE A 356 8.68 4.74 -18.12
C ILE A 356 7.33 5.37 -17.82
N ASP A 357 6.64 4.80 -16.84
CA ASP A 357 5.34 5.29 -16.44
C ASP A 357 5.21 5.03 -14.95
N TYR A 358 4.75 6.04 -14.23
CA TYR A 358 4.57 5.96 -12.79
C TYR A 358 3.73 7.16 -12.36
N HIS A 359 3.23 7.11 -11.14
CA HIS A 359 2.64 8.29 -10.53
C HIS A 359 3.44 8.64 -9.29
N ASP A 360 3.78 9.92 -9.14
CA ASP A 360 4.50 10.39 -7.97
C ASP A 360 3.50 10.60 -6.84
N TRP A 361 3.14 9.51 -6.18
CA TRP A 361 2.14 9.52 -5.09
C TRP A 361 2.53 10.46 -3.96
N ILE A 362 3.83 10.55 -3.70
CA ILE A 362 4.34 11.38 -2.61
C ILE A 362 4.14 12.87 -2.88
N ALA A 363 4.12 13.27 -4.15
CA ALA A 363 3.96 14.67 -4.54
C ALA A 363 2.50 15.06 -4.74
N ASP A 364 1.62 14.05 -4.79
CA ASP A 364 0.19 14.26 -5.02
C ASP A 364 -0.46 14.72 -3.70
N PRO A 365 -1.07 15.93 -3.71
CA PRO A 365 -1.64 16.51 -2.48
C PRO A 365 -2.82 15.72 -1.92
N LEU A 366 -3.42 14.87 -2.73
CA LEU A 366 -4.49 13.99 -2.30
C LEU A 366 -3.97 12.69 -1.67
N PHE A 367 -2.65 12.54 -1.61
CA PHE A 367 -2.04 11.31 -1.10
C PHE A 367 -0.85 11.56 -0.19
N GLU A 368 0.11 12.36 -0.66
CA GLU A 368 1.33 12.67 0.12
C GLU A 368 2.09 11.42 0.55
N GLY A 369 2.01 10.38 -0.27
CA GLY A 369 2.72 9.14 0.00
C GLY A 369 2.11 7.99 -0.75
N PRO A 370 2.89 6.92 -0.95
CA PRO A 370 2.35 5.70 -1.50
C PRO A 370 1.69 4.95 -0.35
N TRP A 371 1.98 3.66 -0.22
CA TRP A 371 1.43 2.87 0.88
C TRP A 371 2.18 3.14 2.18
N VAL A 372 1.54 2.82 3.30
CA VAL A 372 2.08 3.11 4.63
C VAL A 372 3.34 2.31 4.94
N ALA A 373 4.30 2.99 5.56
CA ALA A 373 5.42 2.36 6.23
C ALA A 373 5.90 3.37 7.26
N PRO A 374 5.90 2.99 8.55
CA PRO A 374 6.24 3.94 9.59
C PRO A 374 7.72 4.26 9.59
N ARG A 375 8.05 5.45 10.10
CA ARG A 375 9.42 5.76 10.42
C ARG A 375 9.77 4.97 11.68
N VAL A 376 11.05 4.68 11.86
CA VAL A 376 11.52 4.00 13.06
C VAL A 376 11.03 4.75 14.29
N GLY A 377 10.40 4.02 15.20
CA GLY A 377 9.95 4.60 16.47
C GLY A 377 8.52 5.08 16.48
N GLN A 378 7.90 5.20 15.30
CA GLN A 378 6.54 5.76 15.22
C GLN A 378 5.46 4.83 15.77
N PHE A 379 5.41 3.60 15.26
CA PHE A 379 4.28 2.70 15.55
C PHE A 379 4.37 1.95 16.88
N SER A 380 5.54 1.96 17.51
CA SER A 380 5.65 1.46 18.88
C SER A 380 5.24 2.54 19.90
N ARG A 381 5.05 3.77 19.42
CA ARG A 381 4.48 4.87 20.21
C ARG A 381 2.96 4.99 20.03
N VAL A 382 2.52 5.00 18.78
CA VAL A 382 1.09 5.03 18.46
C VAL A 382 0.77 4.36 17.14
N HIS A 383 -0.17 3.42 17.17
CA HIS A 383 -0.50 2.66 15.98
C HIS A 383 -1.99 2.36 15.95
N LYS A 384 -2.45 1.51 16.86
CA LYS A 384 -3.87 1.16 16.91
C LYS A 384 -4.75 2.41 17.00
N GLU A 385 -4.29 3.40 17.77
CA GLU A 385 -5.10 4.57 18.04
C GLU A 385 -5.33 5.45 16.81
N LEU A 386 -4.42 5.38 15.84
CA LEU A 386 -4.57 6.14 14.60
C LEU A 386 -5.85 5.76 13.86
N GLY A 387 -6.27 4.50 14.01
CA GLY A 387 -7.49 4.02 13.39
C GLY A 387 -8.69 3.97 14.33
N GLU A 388 -8.53 4.51 15.53
CA GLU A 388 -9.63 4.54 16.50
C GLU A 388 -10.50 5.78 16.29
N PRO A 389 -11.82 5.67 16.57
CA PRO A 389 -12.69 6.84 16.44
C PRO A 389 -12.28 7.96 17.39
N ALA A 390 -12.44 9.20 16.93
CA ALA A 390 -12.37 10.37 17.80
C ALA A 390 -13.77 10.96 17.82
N GLY A 391 -14.54 10.62 18.85
CA GLY A 391 -15.95 10.98 18.93
C GLY A 391 -16.73 10.37 17.78
N ARG A 392 -17.31 11.24 16.96
CA ARG A 392 -18.14 10.82 15.83
C ARG A 392 -17.35 10.71 14.52
N ILE A 393 -16.04 10.92 14.61
CA ILE A 393 -15.15 10.81 13.46
C ILE A 393 -14.43 9.46 13.48
N HIS A 394 -14.65 8.67 12.43
CA HIS A 394 -13.99 7.38 12.28
C HIS A 394 -12.86 7.49 11.27
N PHE A 395 -11.80 6.73 11.51
CA PHE A 395 -10.64 6.72 10.63
C PHE A 395 -10.45 5.33 10.04
N VAL A 396 -10.49 5.25 8.71
CA VAL A 396 -10.34 3.98 8.00
C VAL A 396 -9.27 4.10 6.90
N GLY A 397 -9.06 3.02 6.17
CA GLY A 397 -8.08 2.99 5.10
C GLY A 397 -7.00 1.95 5.33
N SER A 398 -6.34 1.54 4.25
CA SER A 398 -5.21 0.60 4.35
C SER A 398 -4.15 1.07 5.33
N ASP A 399 -3.93 2.39 5.36
CA ASP A 399 -2.90 2.99 6.20
C ASP A 399 -3.05 2.63 7.69
N VAL A 400 -4.29 2.42 8.12
CA VAL A 400 -4.55 2.16 9.55
C VAL A 400 -5.02 0.74 9.87
N SER A 401 -5.04 -0.13 8.88
CA SER A 401 -5.36 -1.54 9.11
C SER A 401 -4.31 -2.18 10.00
N LEU A 402 -4.74 -2.91 11.02
CA LEU A 402 -3.81 -3.68 11.86
C LEU A 402 -3.60 -5.06 11.28
N GLU A 403 -4.54 -5.49 10.45
CA GLU A 403 -4.57 -6.85 9.95
C GLU A 403 -3.92 -6.96 8.57
N PHE A 404 -4.17 -5.99 7.69
CA PHE A 404 -3.59 -6.01 6.35
CA PHE A 404 -3.51 -5.99 6.37
C PHE A 404 -3.08 -4.61 5.90
N PRO A 405 -2.16 -3.98 6.67
CA PRO A 405 -1.75 -2.63 6.32
C PRO A 405 -1.01 -2.57 4.98
N GLY A 406 -1.36 -1.57 4.19
CA GLY A 406 -0.71 -1.33 2.90
C GLY A 406 -1.28 -2.17 1.78
N TYR A 407 -2.36 -2.88 2.03
CA TYR A 407 -3.03 -3.70 1.03
C TYR A 407 -4.48 -3.26 0.84
N ILE A 408 -5.07 -3.59 -0.30
CA ILE A 408 -6.48 -3.33 -0.56
CA ILE A 408 -6.48 -3.34 -0.55
C ILE A 408 -7.36 -4.02 0.49
N GLU A 409 -6.97 -5.23 0.89
CA GLU A 409 -7.67 -5.96 1.93
C GLU A 409 -7.81 -5.12 3.20
N GLY A 410 -6.75 -4.37 3.52
CA GLY A 410 -6.74 -3.50 4.69
C GLY A 410 -7.73 -2.34 4.62
N ALA A 411 -7.93 -1.82 3.42
CA ALA A 411 -8.92 -0.77 3.17
C ALA A 411 -10.32 -1.31 3.43
N LEU A 412 -10.58 -2.53 2.94
CA LEU A 412 -11.87 -3.18 3.11
C LEU A 412 -12.14 -3.60 4.55
N GLU A 413 -11.10 -4.06 5.25
CA GLU A 413 -11.18 -4.47 6.66
C GLU A 413 -11.55 -3.31 7.59
N THR A 414 -10.85 -2.19 7.44
CA THR A 414 -11.08 -1.01 8.25
C THR A 414 -12.47 -0.42 8.01
N ALA A 415 -12.91 -0.40 6.74
CA ALA A 415 -14.22 0.10 6.38
C ALA A 415 -15.34 -0.74 7.03
N GLU A 416 -15.14 -2.06 7.02
CA GLU A 416 -16.06 -2.99 7.69
C GLU A 416 -16.24 -2.62 9.15
N CYS A 417 -15.13 -2.34 9.83
CA CYS A 417 -15.13 -2.02 11.26
C CYS A 417 -15.85 -0.71 11.57
N ALA A 418 -15.62 0.31 10.73
CA ALA A 418 -16.30 1.61 10.88
C ALA A 418 -17.80 1.48 10.64
N VAL A 419 -18.18 0.77 9.57
CA VAL A 419 -19.58 0.52 9.25
C VAL A 419 -20.30 -0.16 10.41
N ASN A 420 -19.71 -1.23 10.94
CA ASN A 420 -20.27 -1.94 12.09
C ASN A 420 -20.41 -1.06 13.33
N ALA A 421 -19.42 -0.20 13.56
CA ALA A 421 -19.41 0.72 14.70
C ALA A 421 -20.54 1.75 14.59
N ILE A 422 -20.75 2.25 13.37
CA ILE A 422 -21.79 3.26 13.11
C ILE A 422 -23.19 2.66 13.23
N LEU A 423 -23.36 1.45 12.70
CA LEU A 423 -24.66 0.78 12.77
C LEU A 423 -25.05 0.41 14.21
N HIS A 424 -24.05 0.24 15.07
CA HIS A 424 -24.28 0.12 16.51
C HIS A 424 -24.13 1.48 17.19
N SER A 425 -25.06 2.39 16.88
CA SER A 425 -25.03 3.72 17.45
C SER A 425 -25.92 4.69 16.67
#